data_8IE5
#
_entry.id   8IE5
#
_cell.length_a   46.917
_cell.length_b   62.431
_cell.length_c   88.585
_cell.angle_alpha   90.00
_cell.angle_beta   90.00
_cell.angle_gamma   90.00
#
_symmetry.space_group_name_H-M   'P 21 21 21'
#
loop_
_entity.id
_entity.type
_entity.pdbx_description
1 polymer 'Death-associated protein kinase 1'
2 non-polymer trans-oxyresveratrol
3 non-polymer 'SULFATE ION'
4 water water
#
_entity_poly.entity_id   1
_entity_poly.type   'polypeptide(L)'
_entity_poly.pdbx_seq_one_letter_code
;MTVFRQENVDDYYDTGEELGSGQFAVVKKCREKSTGLQYAAKFIKKRRTKSSRRGVSREDIEREVSILKEIQHPNVITLH
EVYENKTDVILILELVAGGELFDFLAEKESLTEEEATEFLKQILNGVYYLHSLQIAHFDLKPENIMLLDRNVPKPRIKII
DFGLAHKIDFGNEFKNIFGTPEFVAPEIVNYEPLGLEADMWSIGVITYILLSGASPFLGDTKQETLANVSAVNYEFEDEY
FSNTSALAKDFIRRLLVKDPKKRMTIQDSLQHPWIKPKDTQQALSLEHHHHHH
;
_entity_poly.pdbx_strand_id   A
#
loop_
_chem_comp.id
_chem_comp.type
_chem_comp.name
_chem_comp.formula
EZE non-polymer trans-oxyresveratrol 'C14 H12 O4'
SO4 non-polymer 'SULFATE ION' 'O4 S -2'
#
# COMPACT_ATOMS: atom_id res chain seq x y z
N THR A 2 -16.00 -17.84 6.42
CA THR A 2 -16.88 -16.76 6.85
C THR A 2 -17.74 -16.28 5.68
N VAL A 3 -19.02 -16.09 5.93
CA VAL A 3 -19.96 -15.69 4.87
C VAL A 3 -20.29 -14.22 5.03
N PHE A 4 -20.65 -13.60 3.93
CA PHE A 4 -20.94 -12.17 3.90
C PHE A 4 -22.40 -11.95 3.52
N ARG A 5 -22.81 -10.68 3.51
CA ARG A 5 -24.18 -10.32 3.19
C ARG A 5 -24.52 -10.71 1.77
N GLN A 6 -25.56 -11.54 1.61
CA GLN A 6 -25.90 -12.05 0.29
C GLN A 6 -27.14 -11.39 -0.32
N GLU A 7 -27.65 -10.34 0.29
CA GLU A 7 -28.62 -9.52 -0.41
C GLU A 7 -27.96 -8.78 -1.57
N ASN A 8 -28.77 -8.38 -2.53
CA ASN A 8 -28.24 -7.68 -3.71
C ASN A 8 -27.72 -6.33 -3.26
N VAL A 9 -26.45 -6.06 -3.58
CA VAL A 9 -25.85 -4.80 -3.16
C VAL A 9 -26.59 -3.61 -3.76
N ASP A 10 -27.14 -3.78 -4.97
CA ASP A 10 -27.87 -2.70 -5.64
C ASP A 10 -29.19 -2.35 -4.96
N ASP A 11 -29.65 -3.17 -4.03
CA ASP A 11 -30.85 -2.81 -3.27
C ASP A 11 -30.55 -1.84 -2.15
N TYR A 12 -29.28 -1.65 -1.82
CA TYR A 12 -28.88 -0.83 -0.70
C TYR A 12 -27.92 0.29 -1.07
N TYR A 13 -27.30 0.22 -2.25
CA TYR A 13 -26.36 1.24 -2.73
C TYR A 13 -26.63 1.53 -4.19
N ASP A 14 -26.35 2.76 -4.59
CA ASP A 14 -26.30 3.16 -6.00
C ASP A 14 -24.85 3.47 -6.33
N THR A 15 -24.38 2.94 -7.46
CA THR A 15 -23.00 3.16 -7.90
C THR A 15 -22.92 4.31 -8.88
N GLY A 16 -21.72 4.88 -8.99
CA GLY A 16 -21.47 5.99 -9.87
C GLY A 16 -20.14 5.90 -10.58
N GLU A 17 -19.33 6.96 -10.47
CA GLU A 17 -18.07 7.05 -11.19
C GLU A 17 -17.12 5.93 -10.77
N GLU A 18 -16.42 5.36 -11.75
CA GLU A 18 -15.42 4.35 -11.45
C GLU A 18 -14.16 5.03 -10.93
N LEU A 19 -13.61 4.51 -9.82
CA LEU A 19 -12.46 5.12 -9.17
C LEU A 19 -11.15 4.39 -9.45
N GLY A 20 -11.20 3.13 -9.85
CA GLY A 20 -10.00 2.36 -10.06
C GLY A 20 -10.31 0.98 -10.62
N SER A 21 -9.38 0.40 -11.35
CA SER A 21 -9.60 -0.86 -12.04
C SER A 21 -8.31 -1.67 -11.99
N GLY A 22 -8.42 -2.94 -11.62
CA GLY A 22 -7.26 -3.79 -11.52
C GLY A 22 -7.44 -5.12 -12.23
N GLN A 23 -6.57 -6.09 -11.95
CA GLN A 23 -6.64 -7.37 -12.64
C GLN A 23 -7.91 -8.13 -12.28
N PHE A 24 -8.22 -8.24 -10.98
CA PHE A 24 -9.39 -8.99 -10.53
C PHE A 24 -10.36 -8.14 -9.70
N ALA A 25 -10.28 -6.82 -9.80
CA ALA A 25 -11.12 -5.97 -8.97
C ALA A 25 -11.38 -4.65 -9.67
N VAL A 26 -12.57 -4.08 -9.43
CA VAL A 26 -12.91 -2.74 -9.89
C VAL A 26 -13.51 -2.01 -8.70
N VAL A 27 -13.21 -0.70 -8.58
CA VAL A 27 -13.68 0.13 -7.48
C VAL A 27 -14.59 1.19 -8.04
N LYS A 28 -15.79 1.31 -7.48
CA LYS A 28 -16.79 2.25 -7.96
C LYS A 28 -17.28 3.12 -6.82
N LYS A 29 -17.35 4.42 -7.04
CA LYS A 29 -18.00 5.30 -6.09
C LYS A 29 -19.44 4.84 -5.87
N CYS A 30 -19.91 4.92 -4.63
CA CYS A 30 -21.28 4.52 -4.38
C CYS A 30 -21.89 5.38 -3.28
N ARG A 31 -23.20 5.24 -3.13
CA ARG A 31 -23.96 5.99 -2.13
C ARG A 31 -24.95 5.05 -1.48
N GLU A 32 -24.94 5.00 -0.14
CA GLU A 32 -25.88 4.15 0.57
C GLU A 32 -27.26 4.80 0.55
N LYS A 33 -28.28 4.01 0.17
CA LYS A 33 -29.63 4.56 0.03
C LYS A 33 -30.19 5.02 1.36
N SER A 34 -29.91 4.30 2.44
CA SER A 34 -30.58 4.60 3.71
C SER A 34 -30.02 5.85 4.40
N THR A 35 -28.76 6.20 4.16
CA THR A 35 -28.13 7.29 4.88
C THR A 35 -27.66 8.44 3.98
N GLY A 36 -27.59 8.24 2.67
CA GLY A 36 -27.00 9.21 1.77
C GLY A 36 -25.49 9.29 1.86
N LEU A 37 -24.86 8.47 2.69
CA LEU A 37 -23.41 8.53 2.86
C LEU A 37 -22.71 7.82 1.70
N GLN A 38 -21.52 8.31 1.38
CA GLN A 38 -20.83 7.87 0.18
C GLN A 38 -19.62 7.03 0.56
N TYR A 39 -19.34 6.04 -0.30
CA TYR A 39 -18.34 5.01 -0.07
C TYR A 39 -17.70 4.64 -1.39
N ALA A 40 -16.75 3.71 -1.33
CA ALA A 40 -16.14 3.11 -2.52
C ALA A 40 -16.44 1.63 -2.47
N ALA A 41 -17.05 1.09 -3.51
CA ALA A 41 -17.38 -0.33 -3.55
C ALA A 41 -16.32 -1.06 -4.38
N LYS A 42 -15.58 -1.96 -3.76
CA LYS A 42 -14.55 -2.74 -4.45
C LYS A 42 -15.15 -4.11 -4.78
N PHE A 43 -15.30 -4.39 -6.08
CA PHE A 43 -15.88 -5.65 -6.54
C PHE A 43 -14.72 -6.59 -6.87
N ILE A 44 -14.59 -7.67 -6.11
CA ILE A 44 -13.48 -8.62 -6.27
C ILE A 44 -14.03 -9.88 -6.92
N LYS A 45 -13.45 -10.28 -8.06
CA LYS A 45 -13.90 -11.48 -8.75
C LYS A 45 -13.46 -12.72 -8.00
N LYS A 46 -14.42 -13.61 -7.73
CA LYS A 46 -14.14 -14.88 -7.07
C LYS A 46 -13.58 -15.90 -8.06
N ARG A 47 -12.77 -16.82 -7.54
CA ARG A 47 -12.40 -18.01 -8.30
C ARG A 47 -13.64 -18.87 -8.52
N ARG A 48 -13.76 -19.42 -9.72
CA ARG A 48 -14.91 -20.25 -10.04
C ARG A 48 -14.62 -21.75 -9.99
N THR A 49 -13.35 -22.15 -9.87
CA THR A 49 -13.00 -23.55 -9.59
C THR A 49 -11.79 -23.57 -8.66
N LYS A 50 -11.55 -24.73 -8.07
CA LYS A 50 -10.45 -24.88 -7.12
C LYS A 50 -9.10 -24.54 -7.76
N SER A 51 -8.85 -25.11 -8.94
CA SER A 51 -7.53 -25.04 -9.56
C SER A 51 -7.37 -23.86 -10.53
N SER A 52 -8.35 -22.97 -10.59
CA SER A 52 -8.27 -21.87 -11.54
C SER A 52 -7.25 -20.82 -11.11
N ARG A 53 -6.71 -20.11 -12.09
CA ARG A 53 -5.79 -19.00 -11.85
C ARG A 53 -6.47 -17.65 -11.95
N ARG A 54 -7.67 -17.58 -12.51
CA ARG A 54 -8.39 -16.33 -12.59
C ARG A 54 -9.22 -16.13 -11.31
N GLY A 55 -9.48 -14.88 -10.98
CA GLY A 55 -10.21 -14.56 -9.77
C GLY A 55 -9.36 -14.74 -8.52
N VAL A 56 -9.88 -14.30 -7.38
CA VAL A 56 -9.17 -14.33 -6.11
C VAL A 56 -9.72 -15.47 -5.27
N SER A 57 -8.82 -16.25 -4.67
CA SER A 57 -9.24 -17.38 -3.86
C SER A 57 -9.97 -16.89 -2.61
N ARG A 58 -10.92 -17.69 -2.13
CA ARG A 58 -11.66 -17.27 -0.96
C ARG A 58 -10.75 -17.10 0.25
N GLU A 59 -9.69 -17.91 0.36
CA GLU A 59 -8.74 -17.74 1.43
C GLU A 59 -8.14 -16.34 1.41
N ASP A 60 -7.73 -15.88 0.21
CA ASP A 60 -7.12 -14.57 0.09
C ASP A 60 -8.13 -13.45 0.38
N ILE A 61 -9.37 -13.62 -0.09
CA ILE A 61 -10.39 -12.61 0.19
C ILE A 61 -10.66 -12.52 1.68
N GLU A 62 -10.77 -13.67 2.35
CA GLU A 62 -11.12 -13.63 3.77
C GLU A 62 -9.99 -13.03 4.60
N ARG A 63 -8.74 -13.29 4.22
CA ARG A 63 -7.62 -12.68 4.93
C ARG A 63 -7.67 -11.16 4.80
N GLU A 64 -7.94 -10.66 3.59
CA GLU A 64 -8.03 -9.22 3.38
C GLU A 64 -9.15 -8.60 4.22
N VAL A 65 -10.33 -9.23 4.20
CA VAL A 65 -11.45 -8.72 4.98
C VAL A 65 -11.14 -8.77 6.47
N SER A 66 -10.55 -9.88 6.94
CA SER A 66 -10.24 -9.99 8.37
C SER A 66 -9.26 -8.90 8.81
N ILE A 67 -8.26 -8.62 7.98
CA ILE A 67 -7.32 -7.54 8.30
C ILE A 67 -8.03 -6.20 8.29
N LEU A 68 -8.80 -5.93 7.24
CA LEU A 68 -9.52 -4.66 7.16
C LEU A 68 -10.43 -4.46 8.36
N LYS A 69 -11.07 -5.52 8.84
CA LYS A 69 -11.97 -5.36 9.98
C LYS A 69 -11.24 -4.96 11.25
N GLU A 70 -9.92 -5.21 11.34
CA GLU A 70 -9.19 -4.89 12.56
C GLU A 70 -8.81 -3.42 12.65
N ILE A 71 -8.67 -2.74 11.54
CA ILE A 71 -7.96 -1.47 11.52
C ILE A 71 -8.92 -0.29 11.67
N GLN A 72 -8.53 0.67 12.51
CA GLN A 72 -9.23 1.95 12.59
C GLN A 72 -8.17 2.99 12.94
N HIS A 73 -7.77 3.77 11.95
CA HIS A 73 -6.71 4.75 12.10
C HIS A 73 -6.93 5.80 11.02
N PRO A 74 -6.64 7.08 11.30
CA PRO A 74 -6.92 8.12 10.28
C PRO A 74 -6.14 7.97 8.99
N ASN A 75 -5.02 7.25 9.00
CA ASN A 75 -4.19 7.12 7.80
C ASN A 75 -4.35 5.79 7.11
N VAL A 76 -5.37 5.01 7.46
CA VAL A 76 -5.64 3.74 6.81
C VAL A 76 -7.12 3.69 6.45
N ILE A 77 -7.41 3.14 5.28
CA ILE A 77 -8.79 3.04 4.84
C ILE A 77 -9.55 2.10 5.77
N THR A 78 -10.84 2.40 5.95
CA THR A 78 -11.66 1.57 6.81
C THR A 78 -12.74 0.86 5.98
N LEU A 79 -13.20 -0.27 6.52
CA LEU A 79 -14.18 -1.11 5.85
C LEU A 79 -15.52 -0.89 6.52
N HIS A 80 -16.55 -0.65 5.70
CA HIS A 80 -17.90 -0.40 6.20
C HIS A 80 -18.75 -1.66 6.23
N GLU A 81 -18.76 -2.43 5.15
CA GLU A 81 -19.65 -3.59 5.00
C GLU A 81 -19.05 -4.49 3.93
N VAL A 82 -19.45 -5.77 3.94
CA VAL A 82 -19.06 -6.71 2.91
C VAL A 82 -20.30 -7.45 2.41
N TYR A 83 -20.47 -7.51 1.08
CA TYR A 83 -21.50 -8.30 0.43
C TYR A 83 -20.84 -9.35 -0.46
N GLU A 84 -21.63 -10.35 -0.86
CA GLU A 84 -21.11 -11.30 -1.84
C GLU A 84 -22.24 -11.89 -2.65
N ASN A 85 -21.90 -12.36 -3.84
CA ASN A 85 -22.82 -13.17 -4.65
C ASN A 85 -21.97 -14.24 -5.33
N LYS A 86 -22.53 -14.94 -6.30
CA LYS A 86 -21.82 -16.05 -6.93
C LYS A 86 -20.52 -15.59 -7.61
N THR A 87 -20.50 -14.35 -8.10
CA THR A 87 -19.41 -13.86 -8.94
C THR A 87 -18.38 -13.02 -8.20
N ASP A 88 -18.79 -12.26 -7.18
CA ASP A 88 -17.93 -11.26 -6.58
C ASP A 88 -18.11 -11.24 -5.06
N VAL A 89 -17.07 -10.78 -4.38
CA VAL A 89 -17.20 -10.21 -3.04
C VAL A 89 -17.10 -8.71 -3.20
N ILE A 90 -17.97 -7.97 -2.52
CA ILE A 90 -18.04 -6.52 -2.66
C ILE A 90 -17.73 -5.91 -1.31
N LEU A 91 -16.57 -5.24 -1.20
CA LEU A 91 -16.21 -4.51 0.01
C LEU A 91 -16.73 -3.08 -0.11
N ILE A 92 -17.49 -2.64 0.87
CA ILE A 92 -17.91 -1.25 0.92
C ILE A 92 -16.89 -0.54 1.81
N LEU A 93 -16.06 0.30 1.19
CA LEU A 93 -14.91 0.90 1.84
C LEU A 93 -15.08 2.41 1.95
N GLU A 94 -14.33 3.00 2.90
CA GLU A 94 -14.31 4.44 3.04
C GLU A 94 -13.99 5.10 1.70
N LEU A 95 -14.69 6.19 1.39
CA LEU A 95 -14.44 6.91 0.14
C LEU A 95 -13.25 7.83 0.32
N VAL A 96 -12.21 7.61 -0.48
CA VAL A 96 -11.03 8.46 -0.50
C VAL A 96 -10.98 9.06 -1.90
N ALA A 97 -11.29 10.35 -2.00
CA ALA A 97 -11.66 10.97 -3.28
C ALA A 97 -10.56 11.83 -3.89
N GLY A 98 -9.48 12.12 -3.16
CA GLY A 98 -8.43 13.01 -3.66
C GLY A 98 -7.46 12.41 -4.65
N GLY A 99 -7.59 11.14 -4.98
CA GLY A 99 -6.72 10.53 -5.95
C GLY A 99 -5.38 10.10 -5.37
N GLU A 100 -4.56 9.55 -6.25
CA GLU A 100 -3.31 8.94 -5.83
C GLU A 100 -2.26 9.99 -5.52
N LEU A 101 -1.45 9.70 -4.51
CA LEU A 101 -0.20 10.41 -4.34
C LEU A 101 0.64 10.32 -5.61
N PHE A 102 0.43 9.25 -6.40
CA PHE A 102 1.16 9.07 -7.65
C PHE A 102 0.71 10.09 -8.70
N ASP A 103 -0.60 10.19 -8.96
CA ASP A 103 -1.10 11.16 -9.92
C ASP A 103 -0.80 12.59 -9.47
N PHE A 104 -0.94 12.85 -8.18
CA PHE A 104 -0.55 14.13 -7.58
C PHE A 104 0.96 14.25 -7.72
N SER A 110 8.16 16.56 -8.48
CA SER A 110 9.17 16.58 -7.43
C SER A 110 8.75 17.52 -6.28
N LEU A 111 8.84 17.04 -5.05
CA LEU A 111 8.40 17.79 -3.87
C LEU A 111 9.59 18.32 -3.09
N THR A 112 9.36 19.42 -2.38
CA THR A 112 10.33 19.88 -1.39
C THR A 112 10.41 18.89 -0.23
N GLU A 113 11.45 19.05 0.61
CA GLU A 113 11.58 18.15 1.75
C GLU A 113 10.47 18.35 2.77
N GLU A 114 10.01 19.60 2.96
CA GLU A 114 8.87 19.77 3.85
C GLU A 114 7.62 19.09 3.31
N GLU A 115 7.35 19.25 2.01
CA GLU A 115 6.16 18.62 1.44
C GLU A 115 6.28 17.10 1.45
N ALA A 116 7.47 16.60 1.12
CA ALA A 116 7.71 15.16 1.19
C ALA A 116 7.52 14.65 2.62
N THR A 117 8.15 15.30 3.60
CA THR A 117 8.05 14.80 4.97
C THR A 117 6.65 14.90 5.53
N GLU A 118 5.87 15.91 5.11
CA GLU A 118 4.50 16.02 5.58
C GLU A 118 3.67 14.82 5.16
N PHE A 119 3.81 14.39 3.90
CA PHE A 119 3.17 13.15 3.47
C PHE A 119 3.80 11.96 4.15
N LEU A 120 5.13 11.92 4.17
CA LEU A 120 5.83 10.74 4.66
C LEU A 120 5.52 10.48 6.12
N LYS A 121 5.40 11.54 6.93
CA LYS A 121 5.06 11.33 8.33
C LYS A 121 3.69 10.66 8.47
N GLN A 122 2.74 11.02 7.62
CA GLN A 122 1.43 10.37 7.68
C GLN A 122 1.53 8.90 7.26
N ILE A 123 2.34 8.62 6.23
CA ILE A 123 2.55 7.23 5.85
C ILE A 123 3.18 6.47 7.01
N LEU A 124 4.21 7.05 7.64
CA LEU A 124 4.87 6.37 8.75
C LEU A 124 3.91 6.15 9.91
N ASN A 125 3.05 7.14 10.20
CA ASN A 125 2.08 6.95 11.27
C ASN A 125 1.13 5.80 10.96
N GLY A 126 0.69 5.70 9.70
CA GLY A 126 -0.20 4.61 9.32
C GLY A 126 0.49 3.26 9.42
N VAL A 127 1.74 3.19 8.94
CA VAL A 127 2.49 1.94 9.00
C VAL A 127 2.85 1.59 10.44
N TYR A 128 3.12 2.59 11.27
CA TYR A 128 3.39 2.31 12.67
C TYR A 128 2.19 1.62 13.32
N TYR A 129 1.00 2.11 13.02
CA TYR A 129 -0.23 1.47 13.50
C TYR A 129 -0.31 0.03 13.03
N LEU A 130 -0.14 -0.20 11.72
CA LEU A 130 -0.23 -1.55 11.16
C LEU A 130 0.81 -2.47 11.79
N HIS A 131 2.09 -2.05 11.78
CA HIS A 131 3.15 -2.88 12.31
C HIS A 131 2.97 -3.14 13.80
N SER A 132 2.38 -2.17 14.53
CA SER A 132 2.05 -2.41 15.93
C SER A 132 1.08 -3.57 16.09
N LEU A 133 0.17 -3.73 15.12
CA LEU A 133 -0.76 -4.85 15.11
C LEU A 133 -0.19 -6.07 14.39
N GLN A 134 1.12 -6.07 14.09
CA GLN A 134 1.80 -7.15 13.38
C GLN A 134 1.21 -7.40 12.00
N ILE A 135 0.74 -6.35 11.34
CA ILE A 135 0.21 -6.43 9.98
C ILE A 135 1.28 -5.89 9.05
N ALA A 136 1.75 -6.73 8.14
CA ALA A 136 2.58 -6.30 7.02
C ALA A 136 1.67 -6.01 5.84
N HIS A 137 1.85 -4.85 5.22
CA HIS A 137 1.02 -4.45 4.09
C HIS A 137 1.43 -5.18 2.81
N PHE A 138 2.74 -5.24 2.54
CA PHE A 138 3.34 -5.97 1.42
C PHE A 138 3.04 -5.37 0.05
N ASP A 139 2.36 -4.22 -0.04
CA ASP A 139 2.09 -3.64 -1.35
C ASP A 139 2.15 -2.12 -1.29
N LEU A 140 3.09 -1.58 -0.51
CA LEU A 140 3.19 -0.13 -0.36
C LEU A 140 3.84 0.45 -1.61
N LYS A 141 3.17 1.40 -2.24
CA LYS A 141 3.63 2.08 -3.45
C LYS A 141 2.74 3.30 -3.64
N PRO A 142 3.20 4.31 -4.40
CA PRO A 142 2.40 5.54 -4.55
C PRO A 142 0.98 5.30 -5.00
N GLU A 143 0.75 4.29 -5.84
CA GLU A 143 -0.60 3.97 -6.28
C GLU A 143 -1.53 3.62 -5.11
N ASN A 144 -0.98 3.10 -4.02
CA ASN A 144 -1.76 2.67 -2.87
C ASN A 144 -1.77 3.68 -1.73
N ILE A 145 -1.32 4.91 -2.00
CA ILE A 145 -1.37 6.02 -1.07
C ILE A 145 -2.29 7.05 -1.73
N MET A 146 -3.47 7.23 -1.17
CA MET A 146 -4.45 8.15 -1.73
C MET A 146 -4.61 9.35 -0.81
N LEU A 147 -5.22 10.40 -1.34
CA LEU A 147 -5.44 11.63 -0.58
C LEU A 147 -6.93 11.79 -0.32
N LEU A 148 -7.26 12.43 0.80
CA LEU A 148 -8.65 12.78 1.07
C LEU A 148 -9.09 14.01 0.27
N ASP A 149 -8.26 15.05 0.22
CA ASP A 149 -8.55 16.25 -0.58
C ASP A 149 -7.25 16.72 -1.19
N ARG A 150 -7.15 16.68 -2.52
CA ARG A 150 -5.89 17.01 -3.17
C ARG A 150 -5.68 18.50 -3.36
N ASN A 151 -6.63 19.35 -2.95
CA ASN A 151 -6.56 20.78 -3.22
C ASN A 151 -6.02 21.60 -2.07
N VAL A 152 -5.76 21.00 -0.91
CA VAL A 152 -5.23 21.73 0.24
C VAL A 152 -3.71 21.70 0.19
N PRO A 153 -3.01 22.60 0.91
CA PRO A 153 -1.55 22.64 0.78
C PRO A 153 -0.84 21.42 1.36
N LYS A 154 -1.44 20.76 2.36
CA LYS A 154 -0.87 19.55 2.96
C LYS A 154 -2.00 18.54 3.12
N PRO A 155 -2.30 17.78 2.06
CA PRO A 155 -3.44 16.84 2.13
C PRO A 155 -3.22 15.72 3.13
N ARG A 156 -4.32 15.09 3.52
CA ARG A 156 -4.30 13.99 4.47
C ARG A 156 -4.44 12.67 3.71
N ILE A 157 -3.56 11.73 4.01
CA ILE A 157 -3.44 10.55 3.15
C ILE A 157 -4.02 9.32 3.84
N LYS A 158 -4.36 8.34 3.02
CA LYS A 158 -4.86 7.06 3.50
C LYS A 158 -4.19 5.94 2.72
N ILE A 159 -3.70 4.94 3.44
CA ILE A 159 -3.15 3.75 2.82
C ILE A 159 -4.30 2.86 2.40
N ILE A 160 -4.29 2.42 1.13
CA ILE A 160 -5.34 1.53 0.64
C ILE A 160 -4.74 0.22 0.18
N ASP A 161 -5.61 -0.70 -0.24
CA ASP A 161 -5.28 -1.94 -0.92
C ASP A 161 -4.59 -2.95 -0.02
N PHE A 162 -5.37 -3.63 0.81
CA PHE A 162 -4.85 -4.66 1.69
C PHE A 162 -4.90 -6.06 1.07
N GLY A 163 -4.84 -6.13 -0.26
CA GLY A 163 -4.96 -7.40 -0.97
C GLY A 163 -3.81 -8.34 -0.78
N LEU A 164 -2.63 -7.83 -0.43
CA LEU A 164 -1.48 -8.67 -0.12
C LEU A 164 -1.12 -8.70 1.36
N ALA A 165 -1.86 -7.99 2.21
CA ALA A 165 -1.48 -7.85 3.61
C ALA A 165 -1.60 -9.17 4.36
N HIS A 166 -0.70 -9.38 5.32
CA HIS A 166 -0.70 -10.59 6.14
C HIS A 166 -0.40 -10.24 7.59
N LYS A 167 -1.04 -10.98 8.51
CA LYS A 167 -0.61 -10.97 9.90
C LYS A 167 0.72 -11.71 10.04
N ILE A 168 1.66 -11.11 10.76
CA ILE A 168 2.98 -11.69 10.99
C ILE A 168 3.08 -12.03 12.47
N ASP A 169 2.52 -13.16 12.87
CA ASP A 169 2.50 -13.51 14.29
C ASP A 169 3.70 -14.33 14.74
N PHE A 170 4.55 -14.79 13.80
CA PHE A 170 5.78 -15.51 14.14
C PHE A 170 7.02 -14.76 13.65
N GLY A 171 6.92 -13.45 13.45
CA GLY A 171 8.09 -12.70 13.01
C GLY A 171 8.31 -12.74 11.51
N ASN A 172 7.89 -13.82 10.85
CA ASN A 172 8.00 -13.89 9.40
C ASN A 172 6.95 -14.84 8.83
N GLU A 173 6.65 -14.67 7.55
CA GLU A 173 5.77 -15.57 6.82
C GLU A 173 6.47 -16.05 5.56
N PHE A 174 6.23 -17.30 5.18
CA PHE A 174 6.87 -17.90 4.01
C PHE A 174 5.80 -18.09 2.95
N LYS A 175 5.53 -17.02 2.22
CA LYS A 175 4.62 -17.03 1.10
C LYS A 175 5.21 -16.16 0.00
N ASN A 176 4.83 -16.43 -1.23
CA ASN A 176 5.26 -15.60 -2.34
C ASN A 176 4.38 -14.35 -2.39
N ILE A 177 5.00 -13.19 -2.56
CA ILE A 177 4.29 -11.92 -2.68
C ILE A 177 4.57 -11.37 -4.06
N PHE A 178 3.59 -11.44 -4.94
CA PHE A 178 3.77 -10.87 -6.27
C PHE A 178 3.29 -9.44 -6.22
N GLY A 179 4.15 -8.57 -5.68
CA GLY A 179 3.95 -7.15 -5.74
C GLY A 179 4.60 -6.55 -6.97
N THR A 180 4.71 -5.22 -6.98
CA THR A 180 5.23 -4.50 -8.12
C THR A 180 6.76 -4.44 -8.07
N PRO A 181 7.47 -4.89 -9.10
CA PRO A 181 8.95 -4.97 -9.01
C PRO A 181 9.65 -3.72 -8.51
N GLU A 182 9.23 -2.53 -8.93
CA GLU A 182 9.95 -1.33 -8.50
C GLU A 182 9.92 -1.11 -7.00
N PHE A 183 8.97 -1.72 -6.29
CA PHE A 183 8.74 -1.41 -4.88
C PHE A 183 8.98 -2.57 -3.92
N VAL A 184 9.24 -3.77 -4.39
CA VAL A 184 9.36 -4.92 -3.51
C VAL A 184 10.79 -5.03 -3.00
N ALA A 185 10.92 -5.51 -1.76
CA ALA A 185 12.22 -5.68 -1.11
C ALA A 185 12.96 -6.88 -1.68
N PRO A 186 14.29 -6.94 -1.50
CA PRO A 186 15.06 -8.11 -1.98
C PRO A 186 14.54 -9.45 -1.49
N GLU A 187 14.06 -9.54 -0.24
CA GLU A 187 13.57 -10.83 0.26
C GLU A 187 12.35 -11.31 -0.53
N ILE A 188 11.55 -10.39 -1.04
CA ILE A 188 10.45 -10.78 -1.92
C ILE A 188 10.99 -11.27 -3.25
N VAL A 189 11.95 -10.53 -3.83
CA VAL A 189 12.54 -10.90 -5.11
C VAL A 189 13.14 -12.30 -5.03
N ASN A 190 13.77 -12.61 -3.89
CA ASN A 190 14.49 -13.87 -3.70
C ASN A 190 13.63 -14.95 -3.06
N TYR A 191 12.34 -14.69 -2.84
CA TYR A 191 11.41 -15.71 -2.33
C TYR A 191 11.82 -16.22 -0.95
N GLU A 192 12.28 -15.31 -0.11
CA GLU A 192 12.71 -15.66 1.24
C GLU A 192 11.60 -15.37 2.23
N PRO A 193 11.74 -15.84 3.48
CA PRO A 193 10.75 -15.48 4.51
C PRO A 193 10.61 -13.97 4.63
N LEU A 194 9.39 -13.51 4.89
CA LEU A 194 9.04 -12.09 4.81
C LEU A 194 8.46 -11.63 6.13
N GLY A 195 8.76 -10.40 6.50
CA GLY A 195 8.14 -9.83 7.68
C GLY A 195 7.85 -8.36 7.52
N LEU A 196 7.71 -7.64 8.63
CA LEU A 196 7.43 -6.21 8.58
C LEU A 196 8.53 -5.43 7.88
N GLU A 197 9.75 -5.98 7.82
CA GLU A 197 10.87 -5.24 7.26
C GLU A 197 10.64 -4.91 5.79
N ALA A 198 9.90 -5.75 5.07
CA ALA A 198 9.70 -5.50 3.64
C ALA A 198 8.98 -4.18 3.41
N ASP A 199 8.01 -3.85 4.27
CA ASP A 199 7.35 -2.55 4.15
C ASP A 199 8.32 -1.40 4.31
N MET A 200 9.34 -1.56 5.17
CA MET A 200 10.25 -0.45 5.42
C MET A 200 11.13 -0.19 4.21
N TRP A 201 11.53 -1.25 3.50
CA TRP A 201 12.19 -1.07 2.20
C TRP A 201 11.29 -0.28 1.24
N SER A 202 10.02 -0.69 1.13
CA SER A 202 9.12 0.01 0.20
C SER A 202 9.02 1.49 0.53
N ILE A 203 8.98 1.83 1.82
CA ILE A 203 8.94 3.23 2.22
C ILE A 203 10.20 3.95 1.74
N GLY A 204 11.34 3.27 1.79
CA GLY A 204 12.57 3.88 1.28
C GLY A 204 12.47 4.21 -0.21
N VAL A 205 11.88 3.30 -0.99
CA VAL A 205 11.68 3.55 -2.42
C VAL A 205 10.74 4.73 -2.62
N ILE A 206 9.63 4.73 -1.89
CA ILE A 206 8.67 5.82 -1.97
C ILE A 206 9.33 7.16 -1.64
N THR A 207 10.16 7.18 -0.60
CA THR A 207 10.83 8.43 -0.21
C THR A 207 11.77 8.91 -1.31
N TYR A 208 12.50 7.98 -1.93
CA TYR A 208 13.40 8.35 -3.02
C TYR A 208 12.62 9.02 -4.16
N ILE A 209 11.48 8.44 -4.53
CA ILE A 209 10.66 9.00 -5.61
C ILE A 209 10.07 10.34 -5.21
N LEU A 210 9.60 10.46 -3.96
CA LEU A 210 9.00 11.72 -3.51
C LEU A 210 9.98 12.87 -3.64
N LEU A 211 11.25 12.62 -3.37
CA LEU A 211 12.23 13.69 -3.35
C LEU A 211 12.82 14.02 -4.72
N SER A 212 12.78 13.06 -5.65
CA SER A 212 13.51 13.20 -6.91
C SER A 212 12.66 13.07 -8.15
N GLY A 213 11.47 12.47 -8.05
CA GLY A 213 10.69 12.15 -9.23
C GLY A 213 11.20 10.98 -10.03
N ALA A 214 12.18 10.23 -9.51
CA ALA A 214 12.80 9.14 -10.25
C ALA A 214 12.73 7.87 -9.40
N SER A 215 12.63 6.71 -10.08
CA SER A 215 12.52 5.42 -9.39
C SER A 215 13.91 4.81 -9.24
N PRO A 216 14.30 4.38 -8.04
CA PRO A 216 15.72 4.05 -7.82
C PRO A 216 16.19 2.77 -8.48
N PHE A 217 15.31 1.79 -8.70
CA PHE A 217 15.71 0.49 -9.22
C PHE A 217 15.14 0.18 -10.59
N LEU A 218 14.39 1.11 -11.18
CA LEU A 218 13.60 0.79 -12.37
C LEU A 218 14.52 0.50 -13.54
N GLY A 219 14.36 -0.69 -14.13
CA GLY A 219 15.05 -1.04 -15.36
C GLY A 219 14.12 -0.97 -16.55
N ASP A 220 14.64 -1.42 -17.70
CA ASP A 220 13.85 -1.43 -18.93
C ASP A 220 12.87 -2.58 -18.98
N THR A 221 13.07 -3.64 -18.20
CA THR A 221 12.16 -4.76 -18.14
C THR A 221 11.95 -5.13 -16.68
N LYS A 222 10.91 -5.93 -16.43
CA LYS A 222 10.64 -6.35 -15.06
C LYS A 222 11.81 -7.16 -14.49
N GLN A 223 12.43 -8.02 -15.31
CA GLN A 223 13.54 -8.81 -14.81
C GLN A 223 14.74 -7.93 -14.47
N GLU A 224 14.97 -6.86 -15.24
CA GLU A 224 16.02 -5.91 -14.90
C GLU A 224 15.74 -5.24 -13.55
N THR A 225 14.51 -4.77 -13.35
CA THR A 225 14.16 -4.14 -12.07
C THR A 225 14.39 -5.08 -10.90
N LEU A 226 13.90 -6.32 -11.02
CA LEU A 226 14.07 -7.29 -9.95
C LEU A 226 15.54 -7.57 -9.70
N ALA A 227 16.34 -7.68 -10.77
CA ALA A 227 17.77 -7.91 -10.58
C ALA A 227 18.43 -6.74 -9.87
N ASN A 228 18.02 -5.51 -10.21
CA ASN A 228 18.55 -4.32 -9.55
C ASN A 228 18.18 -4.28 -8.07
N VAL A 229 16.93 -4.62 -7.75
CA VAL A 229 16.51 -4.66 -6.35
C VAL A 229 17.37 -5.63 -5.56
N SER A 230 17.54 -6.85 -6.09
CA SER A 230 18.26 -7.87 -5.32
C SER A 230 19.70 -7.47 -5.10
N ALA A 231 20.29 -6.74 -6.05
CA ALA A 231 21.68 -6.32 -5.96
C ALA A 231 21.86 -5.00 -5.22
N VAL A 232 20.76 -4.37 -4.80
CA VAL A 232 20.77 -3.02 -4.22
C VAL A 232 21.47 -2.06 -5.17
N ASN A 233 21.11 -2.13 -6.45
CA ASN A 233 21.72 -1.34 -7.51
C ASN A 233 20.94 -0.02 -7.65
N TYR A 234 21.27 0.93 -6.78
CA TYR A 234 20.72 2.28 -6.90
C TYR A 234 21.79 3.29 -6.44
N GLU A 235 21.59 4.53 -6.83
CA GLU A 235 22.45 5.62 -6.38
C GLU A 235 21.64 6.92 -6.42
N PHE A 236 22.12 7.93 -5.69
CA PHE A 236 21.49 9.24 -5.69
C PHE A 236 22.10 10.07 -6.82
N GLU A 237 21.33 10.28 -7.89
CA GLU A 237 21.83 11.08 -9.01
C GLU A 237 21.92 12.55 -8.60
N ASP A 238 23.11 13.13 -8.75
CA ASP A 238 23.30 14.53 -8.38
C ASP A 238 22.36 15.45 -9.15
N GLU A 239 22.03 15.12 -10.40
CA GLU A 239 21.10 15.98 -11.15
C GLU A 239 19.76 16.08 -10.45
N TYR A 240 19.36 15.02 -9.74
CA TYR A 240 18.07 14.98 -9.06
C TYR A 240 18.16 15.30 -7.58
N PHE A 241 19.32 15.08 -6.95
CA PHE A 241 19.47 15.21 -5.50
C PHE A 241 20.39 16.34 -5.09
N SER A 242 20.78 17.23 -6.01
CA SER A 242 21.83 18.19 -5.71
C SER A 242 21.46 19.12 -4.56
N ASN A 243 20.17 19.43 -4.41
CA ASN A 243 19.74 20.31 -3.32
C ASN A 243 18.94 19.57 -2.26
N THR A 244 19.09 18.25 -2.18
CA THR A 244 18.47 17.45 -1.13
C THR A 244 19.47 17.27 0.00
N SER A 245 19.00 17.38 1.24
CA SER A 245 19.88 17.35 2.39
C SER A 245 20.53 15.98 2.55
N ALA A 246 21.73 15.96 3.14
CA ALA A 246 22.38 14.68 3.39
C ALA A 246 21.58 13.84 4.36
N LEU A 247 20.81 14.47 5.25
CA LEU A 247 20.03 13.72 6.23
C LEU A 247 18.85 13.01 5.57
N ALA A 248 18.26 13.61 4.54
CA ALA A 248 17.26 12.91 3.74
C ALA A 248 17.87 11.69 3.05
N LYS A 249 19.06 11.85 2.47
CA LYS A 249 19.72 10.71 1.85
C LYS A 249 20.06 9.65 2.89
N ASP A 250 20.45 10.06 4.09
CA ASP A 250 20.75 9.12 5.16
C ASP A 250 19.52 8.26 5.50
N PHE A 251 18.36 8.89 5.63
CA PHE A 251 17.10 8.18 5.90
C PHE A 251 16.86 7.11 4.86
N ILE A 252 16.97 7.46 3.58
CA ILE A 252 16.75 6.49 2.51
C ILE A 252 17.78 5.37 2.56
N ARG A 253 19.05 5.73 2.76
CA ARG A 253 20.13 4.75 2.77
C ARG A 253 19.94 3.70 3.84
N ARG A 254 19.34 4.08 4.98
CA ARG A 254 19.14 3.13 6.08
C ARG A 254 17.90 2.28 5.92
N LEU A 255 17.09 2.54 4.90
CA LEU A 255 15.95 1.70 4.53
C LEU A 255 16.27 0.79 3.35
N LEU A 256 17.04 1.27 2.38
CA LEU A 256 17.36 0.46 1.20
C LEU A 256 18.59 -0.42 1.48
N VAL A 257 18.39 -1.32 2.45
CA VAL A 257 19.42 -2.20 3.00
C VAL A 257 18.99 -3.63 2.74
N LYS A 258 19.88 -4.44 2.13
CA LYS A 258 19.47 -5.78 1.71
C LYS A 258 19.13 -6.67 2.90
N ASP A 259 19.96 -6.67 3.93
CA ASP A 259 19.72 -7.52 5.09
C ASP A 259 18.56 -6.97 5.91
N PRO A 260 17.41 -7.66 5.97
CA PRO A 260 16.26 -7.07 6.66
C PRO A 260 16.53 -6.78 8.12
N LYS A 261 17.42 -7.54 8.74
CA LYS A 261 17.74 -7.33 10.15
C LYS A 261 18.50 -6.03 10.38
N LYS A 262 19.19 -5.52 9.37
CA LYS A 262 19.92 -4.27 9.52
C LYS A 262 19.13 -3.07 9.07
N ARG A 263 17.96 -3.27 8.46
CA ARG A 263 17.14 -2.19 7.96
C ARG A 263 16.46 -1.45 9.11
N MET A 264 16.22 -0.16 8.94
CA MET A 264 15.48 0.59 9.96
C MET A 264 14.09 0.01 10.12
N THR A 265 13.64 -0.13 11.37
CA THR A 265 12.25 -0.48 11.64
C THR A 265 11.38 0.78 11.57
N ILE A 266 10.05 0.57 11.69
CA ILE A 266 9.14 1.72 11.71
C ILE A 266 9.45 2.62 12.89
N GLN A 267 9.73 2.05 14.06
CA GLN A 267 10.09 2.88 15.20
C GLN A 267 11.41 3.62 14.95
N ASP A 268 12.39 2.95 14.35
CA ASP A 268 13.64 3.63 13.98
C ASP A 268 13.36 4.81 13.07
N SER A 269 12.48 4.62 12.07
CA SER A 269 12.24 5.66 11.09
C SER A 269 11.61 6.89 11.73
N LEU A 270 10.78 6.69 12.76
CA LEU A 270 10.16 7.80 13.45
C LEU A 270 11.12 8.55 14.37
N GLN A 271 12.20 7.90 14.81
CA GLN A 271 13.21 8.53 15.65
C GLN A 271 14.38 9.09 14.85
N HIS A 272 14.45 8.79 13.55
CA HIS A 272 15.54 9.27 12.72
C HIS A 272 15.55 10.80 12.70
N PRO A 273 16.72 11.43 12.73
CA PRO A 273 16.78 12.91 12.84
C PRO A 273 16.07 13.67 11.73
N TRP A 274 15.88 13.07 10.55
CA TRP A 274 15.16 13.77 9.49
C TRP A 274 13.67 13.88 9.80
N ILE A 275 13.15 12.95 10.59
CA ILE A 275 11.72 12.87 10.89
C ILE A 275 11.41 13.41 12.28
N LYS A 276 12.24 13.06 13.26
CA LYS A 276 11.95 13.38 14.65
C LYS A 276 11.90 14.89 14.85
N PRO A 277 10.81 15.43 15.43
CA PRO A 277 10.64 16.88 15.62
C PRO A 277 11.51 17.42 16.73
C4 EZE B . -8.83 -0.63 -0.32
C5 EZE B . -8.77 -0.77 -1.69
C6 EZE B . -8.98 0.33 -2.51
C7 EZE B . -9.85 1.36 -1.81
C8 EZE B . -10.17 2.55 -2.45
C10 EZE B . -10.07 4.11 -4.26
C13 EZE B . -11.38 4.62 -2.31
C15 EZE B . -10.99 3.41 -1.77
O1 EZE B . -8.15 -4.00 0.82
C2 EZE B . -8.35 -2.94 0.00
C3 EZE B . -8.64 -1.70 0.54
C9 EZE B . -9.69 2.88 -3.70
O11 EZE B . -9.61 4.46 -5.49
C12 EZE B . -10.90 4.98 -3.56
O14 EZE B . -12.19 5.42 -1.59
C16 EZE B . -8.47 -2.01 -2.22
O17 EZE B . -8.41 -2.07 -3.58
C18 EZE B . -8.28 -3.11 -1.38
S SO4 C . 8.81 -11.49 -7.10
O1 SO4 C . 9.79 -12.19 -7.93
O2 SO4 C . 9.48 -10.47 -6.29
O3 SO4 C . 8.12 -12.45 -6.24
O4 SO4 C . 7.84 -10.81 -7.97
#